data_7HJS
#
_entry.id   7HJS
#
_cell.length_a   26.459
_cell.length_b   47.491
_cell.length_c   46.527
_cell.angle_alpha   90.000
_cell.angle_beta   103.840
_cell.angle_gamma   90.000
#
_symmetry.space_group_name_H-M   'P 1 21 1'
#
loop_
_entity.id
_entity.type
_entity.pdbx_description
1 polymer 'De novo designed ABLE protein'
2 non-polymer '3,5-DIMETHYL-1H-PYRAZOLE-4-CARBOXYLIC ACID ETHYL ESTER'
3 water water
#
_entity_poly.entity_id   1
_entity_poly.type   'polypeptide(L)'
_entity_poly.pdbx_seq_one_letter_code
;SVKSEYAEAAAVGQEAVAVFNTMKAAFQNGDKEAVAQYLARLASLYTRHEELLNRILEKARREGNKEAVTLMNEFTATFQ
TGKSIFNAMVAAFKNGDDDSFESYLQALEKVTAKGETLADQIAKAL
;
_entity_poly.pdbx_strand_id   A
#
# COMPACT_ATOMS: atom_id res chain seq x y z
N SER A 1 -21.06 5.50 5.43
N SER A 1 -20.66 5.07 6.00
CA SER A 1 -21.27 4.38 4.49
CA SER A 1 -20.96 4.18 4.85
C SER A 1 -19.96 3.71 4.16
C SER A 1 -19.71 3.48 4.38
N VAL A 2 -20.03 2.58 3.46
N VAL A 2 -19.89 2.43 3.57
CA VAL A 2 -18.82 1.89 3.03
CA VAL A 2 -18.73 1.77 2.99
C VAL A 2 -18.08 2.74 2.00
C VAL A 2 -17.97 2.77 2.12
N LYS A 3 -18.80 3.58 1.25
N LYS A 3 -18.67 3.75 1.54
CA LYS A 3 -18.16 4.39 0.22
CA LYS A 3 -18.04 4.68 0.61
C LYS A 3 -17.36 5.53 0.84
C LYS A 3 -17.19 5.72 1.36
N SER A 4 -17.88 6.12 1.93
N SER A 4 -17.65 6.16 2.55
CA SER A 4 -17.10 7.12 2.66
CA SER A 4 -16.86 7.11 3.35
C SER A 4 -15.93 6.46 3.37
C SER A 4 -15.65 6.42 3.97
N GLU A 5 -16.12 5.24 3.88
N GLU A 5 -15.82 5.16 4.35
CA GLU A 5 -15.04 4.54 4.54
CA GLU A 5 -14.69 4.39 4.80
C GLU A 5 -13.93 4.16 3.57
C GLU A 5 -13.72 4.14 3.66
N TYR A 6 -14.25 4.03 2.28
N TYR A 6 -14.21 3.97 2.43
CA TYR A 6 -13.20 3.77 1.30
CA TYR A 6 -13.27 3.86 1.31
C TYR A 6 -12.41 5.04 0.98
C TYR A 6 -12.53 5.18 1.07
N ALA A 7 -13.10 6.18 0.88
N ALA A 7 -13.20 6.31 1.26
CA ALA A 7 -12.40 7.44 0.69
CA ALA A 7 -12.56 7.60 1.07
C ALA A 7 -11.46 7.72 1.87
C ALA A 7 -11.46 7.82 2.11
N GLU A 8 -11.87 7.32 3.07
N GLU A 8 -11.69 7.35 3.33
CA GLU A 8 -11.00 7.47 4.24
CA GLU A 8 -10.62 7.41 4.33
C GLU A 8 -9.82 6.51 4.20
C GLU A 8 -9.45 6.51 3.93
N ALA A 9 -10.01 5.33 3.59
N ALA A 9 -9.74 5.27 3.53
CA ALA A 9 -8.89 4.42 3.38
CA ALA A 9 -8.70 4.37 3.07
C ALA A 9 -8.01 4.89 2.23
C ALA A 9 -7.89 5.01 1.93
N ALA A 10 -8.60 5.59 1.25
N ALA A 10 -8.58 5.65 0.99
CA ALA A 10 -7.81 6.10 0.13
CA ALA A 10 -7.89 6.30 -0.10
C ALA A 10 -6.91 7.25 0.58
C ALA A 10 -6.97 7.42 0.41
N ALA A 11 -7.43 8.16 1.41
CA ALA A 11 -6.59 9.21 1.97
C ALA A 11 -5.38 8.62 2.67
N VAL A 12 -5.57 7.55 3.44
CA VAL A 12 -4.42 6.96 4.12
C VAL A 12 -3.43 6.40 3.08
N GLY A 13 -3.94 5.85 1.98
N GLY A 13 -3.94 5.82 2.00
CA GLY A 13 -3.04 5.40 0.93
CA GLY A 13 -3.05 5.39 0.93
C GLY A 13 -2.26 6.53 0.31
C GLY A 13 -2.26 6.53 0.32
N GLN A 14 -2.89 7.68 0.13
CA GLN A 14 -2.18 8.84 -0.38
C GLN A 14 -1.17 9.37 0.62
N GLU A 15 -1.46 9.27 1.91
CA GLU A 15 -0.45 9.66 2.91
C GLU A 15 0.79 8.79 2.77
N ALA A 16 0.58 7.50 2.54
CA ALA A 16 1.72 6.60 2.35
C ALA A 16 2.48 6.96 1.09
N VAL A 17 1.77 7.30 0.01
CA VAL A 17 2.46 7.75 -1.21
C VAL A 17 3.34 8.96 -0.92
N ALA A 18 2.80 9.93 -0.18
CA ALA A 18 3.56 11.13 0.14
C ALA A 18 4.79 10.80 0.97
N VAL A 19 4.60 9.99 2.01
CA VAL A 19 5.75 9.68 2.87
C VAL A 19 6.78 8.84 2.11
N PHE A 20 6.30 7.95 1.22
CA PHE A 20 7.20 7.10 0.44
C PHE A 20 8.08 7.94 -0.46
N ASN A 21 7.49 8.96 -1.11
N ASN A 21 7.50 9.00 -1.06
CA ASN A 21 8.28 9.79 -2.01
CA ASN A 21 8.33 9.81 -1.94
C ASN A 21 9.28 10.65 -1.26
C ASN A 21 9.32 10.67 -1.17
N THR A 22 8.96 11.07 -0.04
N THR A 22 8.97 11.11 0.04
CA THR A 22 9.94 11.77 0.79
CA THR A 22 9.93 11.79 0.89
C THR A 22 11.05 10.81 1.20
C THR A 22 11.05 10.85 1.30
N MET A 23 10.69 9.61 1.61
CA MET A 23 11.68 8.58 1.96
C MET A 23 12.63 8.30 0.80
N LYS A 24 12.10 8.17 -0.42
CA LYS A 24 12.95 7.91 -1.57
C LYS A 24 13.98 9.03 -1.73
N ALA A 25 13.54 10.29 -1.58
N ALA A 25 13.54 10.29 -1.58
CA ALA A 25 14.48 11.41 -1.66
CA ALA A 25 14.50 11.41 -1.65
C ALA A 25 15.53 11.34 -0.55
C ALA A 25 15.55 11.30 -0.57
N ALA A 26 15.12 10.95 0.65
N ALA A 26 15.13 10.99 0.66
CA ALA A 26 16.08 10.84 1.75
CA ALA A 26 16.08 10.85 1.75
C ALA A 26 17.07 9.71 1.50
C ALA A 26 17.08 9.72 1.48
N PHE A 27 16.59 8.58 0.98
CA PHE A 27 17.48 7.46 0.62
C PHE A 27 18.50 7.90 -0.42
N GLN A 28 18.03 8.59 -1.47
N GLN A 28 18.03 8.60 -1.46
CA GLN A 28 18.94 9.02 -2.52
CA GLN A 28 18.95 9.05 -2.51
C GLN A 28 20.00 9.98 -1.99
C GLN A 28 19.99 10.02 -1.94
N ASN A 29 19.62 10.83 -1.04
N ASN A 29 19.58 10.88 -1.02
CA ASN A 29 20.56 11.78 -0.44
CA ASN A 29 20.48 11.81 -0.37
C ASN A 29 21.45 11.13 0.62
C ASN A 29 21.40 11.15 0.67
N GLY A 30 21.17 9.90 1.02
CA GLY A 30 22.00 9.24 2.03
C GLY A 30 21.67 9.57 3.46
N ASP A 31 20.48 10.10 3.74
CA ASP A 31 20.05 10.48 5.09
C ASP A 31 19.37 9.25 5.71
N LYS A 32 20.20 8.37 6.27
N LYS A 32 20.20 8.32 6.17
CA LYS A 32 19.69 7.10 6.80
CA LYS A 32 19.71 7.03 6.64
C LYS A 32 18.86 7.30 8.05
C LYS A 32 18.86 7.17 7.89
N GLU A 33 19.20 8.28 8.89
N GLU A 33 19.18 8.14 8.75
CA GLU A 33 18.40 8.53 10.08
CA GLU A 33 18.38 8.35 9.95
C GLU A 33 16.98 8.92 9.71
C GLU A 33 16.96 8.76 9.59
N ALA A 34 16.81 9.64 8.60
CA ALA A 34 15.48 9.98 8.14
C ALA A 34 14.78 8.77 7.55
N VAL A 35 15.48 8.03 6.69
CA VAL A 35 14.86 6.85 6.07
C VAL A 35 14.32 5.92 7.15
N ALA A 36 15.08 5.72 8.23
N ALA A 36 15.11 5.66 8.18
CA ALA A 36 14.63 4.84 9.30
CA ALA A 36 14.65 4.77 9.24
C ALA A 36 13.31 5.32 9.90
C ALA A 36 13.29 5.22 9.79
N GLN A 37 13.15 6.63 10.07
N GLN A 37 13.15 6.50 10.10
CA GLN A 37 11.91 7.15 10.63
CA GLN A 37 11.88 7.01 10.63
C GLN A 37 10.76 7.06 9.63
C GLN A 37 10.78 6.93 9.60
N TYR A 38 11.06 7.29 8.35
CA TYR A 38 10.00 7.19 7.33
C TYR A 38 9.55 5.76 7.16
N LEU A 39 10.48 4.80 7.27
N LEU A 39 10.49 4.80 7.17
CA LEU A 39 10.08 3.40 7.20
CA LEU A 39 10.08 3.40 7.06
C LEU A 39 9.19 3.01 8.37
C LEU A 39 9.18 2.98 8.21
N ALA A 40 9.38 3.63 9.54
N ALA A 40 9.47 3.41 9.43
CA ALA A 40 8.47 3.39 10.64
CA ALA A 40 8.58 3.08 10.55
C ALA A 40 7.12 4.07 10.41
C ALA A 40 7.20 3.69 10.35
N ARG A 41 7.15 5.28 9.83
N ARG A 41 7.14 4.92 9.86
CA ARG A 41 5.91 5.98 9.51
CA ARG A 41 5.87 5.59 9.60
C ARG A 41 5.11 5.25 8.44
C ARG A 41 5.08 4.89 8.51
N LEU A 42 5.80 4.56 7.51
N LEU A 42 5.76 4.54 7.42
CA LEU A 42 5.14 3.79 6.48
CA LEU A 42 5.11 3.76 6.36
C LEU A 42 4.64 2.44 7.00
C LEU A 42 4.56 2.45 6.89
N ALA A 43 5.35 1.84 7.96
N ALA A 43 5.29 1.73 7.73
CA ALA A 43 4.86 0.58 8.51
CA ALA A 43 4.72 0.49 8.23
C ALA A 43 3.56 0.76 9.28
C ALA A 43 3.41 0.77 8.96
N SER A 44 3.34 1.96 9.83
N SER A 44 3.41 1.80 9.82
CA SER A 44 2.09 2.25 10.53
CA SER A 44 2.22 2.17 10.57
C SER A 44 0.97 2.59 9.55
C SER A 44 1.07 2.50 9.62
N LEU A 45 1.30 3.30 8.47
N LEU A 45 1.36 3.25 8.56
CA LEU A 45 0.28 3.62 7.47
CA LEU A 45 0.31 3.64 7.62
C LEU A 45 -0.18 2.39 6.71
C LEU A 45 -0.23 2.43 6.84
N TYR A 46 0.75 1.53 6.30
N TYR A 46 0.64 1.52 6.43
CA TYR A 46 0.38 0.35 5.53
CA TYR A 46 0.15 0.33 5.72
C TYR A 46 -0.39 -0.65 6.38
C TYR A 46 -0.69 -0.54 6.62
N THR A 47 -0.10 -0.73 7.68
N THR A 47 -0.33 -0.62 7.90
CA THR A 47 -0.85 -1.63 8.55
CA THR A 47 -1.17 -1.36 8.85
C THR A 47 -2.25 -1.10 8.82
C THR A 47 -2.57 -0.76 8.89
N ARG A 48 -2.40 0.23 8.94
N ARG A 48 -2.67 0.57 9.04
CA ARG A 48 -3.71 0.84 9.08
CA ARG A 48 -3.97 1.23 9.09
C ARG A 48 -4.53 0.65 7.81
C ARG A 48 -4.71 1.09 7.77
N HIS A 49 -3.96 1.01 6.66
N HIS A 49 -4.01 1.23 6.66
CA HIS A 49 -4.67 0.84 5.39
CA HIS A 49 -4.64 1.06 5.36
C HIS A 49 -5.13 -0.61 5.23
C HIS A 49 -5.27 -0.33 5.26
N GLU A 50 -4.24 -1.56 5.56
N GLU A 50 -4.49 -1.37 5.60
CA GLU A 50 -4.59 -2.98 5.43
CA GLU A 50 -4.98 -2.73 5.46
C GLU A 50 -5.81 -3.34 6.26
C GLU A 50 -6.17 -2.97 6.36
N GLU A 51 -5.94 -2.75 7.45
N GLU A 51 -6.15 -2.39 7.56
CA GLU A 51 -7.07 -3.06 8.30
CA GLU A 51 -7.29 -2.51 8.44
C GLU A 51 -8.35 -2.43 7.77
C GLU A 51 -8.53 -1.91 7.81
N LEU A 52 -8.27 -1.19 7.27
N LEU A 52 -8.42 -0.74 7.19
CA LEU A 52 -9.45 -0.52 6.74
CA LEU A 52 -9.59 -0.18 6.52
C LEU A 52 -9.98 -1.24 5.51
C LEU A 52 -10.03 -1.03 5.35
N LEU A 53 -9.09 -1.57 4.57
CA LEU A 53 -9.47 -2.33 3.38
C LEU A 53 -10.20 -3.60 3.78
N ASN A 54 -9.73 -4.27 4.84
N ASN A 54 -9.74 -4.24 4.86
CA ASN A 54 -10.34 -5.54 5.22
CA ASN A 54 -10.39 -5.47 5.29
C ASN A 54 -11.76 -5.35 5.72
C ASN A 54 -11.82 -5.20 5.77
N ARG A 55 -12.01 -4.29 6.51
N ARG A 55 -12.02 -4.11 6.52
CA ARG A 55 -13.36 -4.00 6.95
CA ARG A 55 -13.38 -3.81 6.99
C ARG A 55 -14.26 -3.69 5.76
C ARG A 55 -14.30 -3.44 5.85
N ILE A 56 -13.76 -2.87 4.84
N ILE A 56 -13.77 -2.81 4.82
CA ILE A 56 -14.53 -2.51 3.64
CA ILE A 56 -14.55 -2.50 3.62
C ILE A 56 -14.92 -3.77 2.89
C ILE A 56 -14.93 -3.78 2.89
N LEU A 57 -13.95 -4.67 2.66
CA LEU A 57 -14.26 -5.93 1.98
C LEU A 57 -15.26 -6.76 2.78
N GLU A 58 -15.06 -6.87 4.10
CA GLU A 58 -16.04 -7.62 4.90
C GLU A 58 -17.42 -6.99 4.83
N LYS A 59 -17.50 -5.66 4.77
N LYS A 59 -17.51 -5.66 4.74
CA LYS A 59 -18.79 -4.99 4.70
CA LYS A 59 -18.82 -5.00 4.69
C LYS A 59 -19.46 -5.23 3.35
C LYS A 59 -19.48 -5.19 3.33
N ALA A 60 -18.69 -5.10 2.27
CA ALA A 60 -19.23 -5.40 0.95
C ALA A 60 -19.75 -6.83 0.87
N ARG A 61 -19.07 -7.77 1.54
CA ARG A 61 -19.54 -9.15 1.57
C ARG A 61 -20.90 -9.24 2.26
N ARG A 62 -21.06 -8.54 3.39
CA ARG A 62 -22.30 -8.63 4.16
C ARG A 62 -23.44 -7.94 3.41
N GLU A 63 -23.11 -6.98 2.55
N GLU A 63 -23.10 -6.96 2.59
CA GLU A 63 -24.09 -6.31 1.71
CA GLU A 63 -24.03 -6.23 1.75
C GLU A 63 -24.43 -7.10 0.46
C GLU A 63 -24.32 -6.95 0.44
N GLY A 64 -23.80 -8.26 0.25
N GLY A 64 -23.59 -8.02 0.14
CA GLY A 64 -24.05 -9.05 -0.93
CA GLY A 64 -23.77 -8.73 -1.11
C GLY A 64 -23.58 -8.44 -2.22
C GLY A 64 -23.40 -7.93 -2.35
N ASN A 65 -22.73 -7.42 -2.15
N ASN A 65 -22.42 -7.02 -2.25
CA ASN A 65 -22.26 -6.69 -3.33
CA ASN A 65 -22.03 -6.22 -3.40
C ASN A 65 -21.16 -7.53 -3.98
C ASN A 65 -20.99 -7.02 -4.15
N LYS A 66 -21.57 -8.39 -4.91
N LYS A 66 -21.47 -7.93 -4.99
CA LYS A 66 -20.61 -9.33 -5.49
CA LYS A 66 -20.58 -8.91 -5.62
C LYS A 66 -19.47 -8.63 -6.23
C LYS A 66 -19.46 -8.29 -6.46
N GLU A 67 -19.79 -7.62 -7.03
N GLU A 67 -19.78 -7.24 -7.23
CA GLU A 67 -18.77 -7.00 -7.87
CA GLU A 67 -18.72 -6.63 -8.04
C GLU A 67 -17.71 -6.30 -7.02
C GLU A 67 -17.68 -5.99 -7.14
N ALA A 68 -18.14 -5.45 -6.08
N ALA A 68 -18.12 -5.34 -6.06
CA ALA A 68 -17.17 -4.78 -5.23
CA ALA A 68 -17.13 -4.73 -5.17
C ALA A 68 -16.33 -5.76 -4.44
C ALA A 68 -16.29 -5.81 -4.49
N VAL A 69 -16.89 -6.92 -4.10
CA VAL A 69 -16.12 -7.96 -3.43
C VAL A 69 -15.06 -8.53 -4.37
N THR A 70 -15.44 -8.81 -5.61
CA THR A 70 -14.48 -9.31 -6.58
C THR A 70 -13.28 -8.37 -6.69
N LEU A 71 -13.55 -7.08 -6.85
N LEU A 71 -13.55 -7.09 -6.94
CA LEU A 71 -12.51 -6.08 -7.02
CA LEU A 71 -12.49 -6.11 -7.12
C LEU A 71 -11.72 -5.88 -5.74
C LEU A 71 -11.64 -5.99 -5.87
N MET A 72 -12.35 -6.06 -4.57
N MET A 72 -12.25 -5.99 -4.69
CA MET A 72 -11.62 -5.93 -3.31
CA MET A 72 -11.49 -5.85 -3.45
C MET A 72 -10.82 -7.19 -2.99
C MET A 72 -10.66 -7.09 -3.17
N ASN A 73 -11.22 -8.34 -3.53
N ASN A 73 -11.18 -8.27 -3.49
CA ASN A 73 -10.38 -9.53 -3.44
CA ASN A 73 -10.37 -9.48 -3.40
C ASN A 73 -9.13 -9.41 -4.30
C ASN A 73 -9.13 -9.33 -4.26
N GLU A 74 -9.26 -8.82 -5.48
N GLU A 74 -9.28 -8.85 -5.48
CA GLU A 74 -8.09 -8.60 -6.34
CA GLU A 74 -8.10 -8.66 -6.34
C GLU A 74 -7.22 -7.47 -5.81
C GLU A 74 -7.15 -7.62 -5.75
N PHE A 75 -7.83 -6.46 -5.20
N PHE A 75 -7.69 -6.51 -5.30
CA PHE A 75 -7.07 -5.32 -4.71
CA PHE A 75 -6.82 -5.48 -4.76
C PHE A 75 -6.27 -5.69 -3.46
C PHE A 75 -6.13 -5.93 -3.48
N THR A 76 -6.89 -6.40 -2.52
N THR A 76 -6.85 -6.57 -2.55
CA THR A 76 -6.16 -6.81 -1.33
CA THR A 76 -6.16 -6.97 -1.32
C THR A 76 -5.04 -7.78 -1.67
C THR A 76 -5.09 -8.03 -1.62
N ALA A 77 -5.17 -8.52 -2.77
N ALA A 77 -5.29 -8.82 -2.67
CA ALA A 77 -4.09 -9.41 -3.20
CA ALA A 77 -4.21 -9.73 -3.08
C ALA A 77 -2.94 -8.62 -3.80
C ALA A 77 -2.96 -8.96 -3.50
N THR A 78 -3.23 -7.49 -4.45
N THR A 78 -3.14 -7.92 -4.31
CA THR A 78 -2.17 -6.61 -4.93
CA THR A 78 -1.97 -7.15 -4.76
C THR A 78 -1.53 -5.85 -3.79
C THR A 78 -1.37 -6.35 -3.62
N PHE A 79 -2.30 -5.52 -2.77
N PHE A 79 -2.19 -5.97 -2.64
CA PHE A 79 -1.75 -4.89 -1.58
CA PHE A 79 -1.67 -5.29 -1.45
C PHE A 79 -0.71 -5.78 -0.91
C PHE A 79 -0.69 -6.19 -0.69
N GLN A 80 -1.05 -7.05 -0.68
N GLN A 80 -0.96 -7.50 -0.66
CA GLN A 80 -0.11 -7.96 -0.05
CA GLN A 80 -0.02 -8.42 -0.02
C GLN A 80 1.16 -8.12 -0.87
C GLN A 80 1.29 -8.43 -0.77
N THR A 81 1.08 -7.89 -2.19
N THR A 81 1.24 -8.40 -2.10
CA THR A 81 2.29 -7.95 -3.00
CA THR A 81 2.48 -8.32 -2.86
C THR A 81 3.21 -6.77 -2.72
C THR A 81 3.27 -7.08 -2.46
N GLY A 82 2.63 -5.58 -2.57
N GLY A 82 2.58 -5.94 -2.40
CA GLY A 82 3.43 -4.44 -2.17
CA GLY A 82 3.27 -4.72 -1.98
C GLY A 82 3.95 -4.56 -0.75
C GLY A 82 3.83 -4.86 -0.58
N LYS A 83 3.15 -5.18 0.13
N LYS A 83 3.07 -5.48 0.32
CA LYS A 83 3.57 -5.32 1.53
CA LYS A 83 3.55 -5.72 1.69
C LYS A 83 4.77 -6.25 1.66
C LYS A 83 4.81 -6.57 1.69
N SER A 84 4.73 -7.38 0.95
N SER A 84 4.82 -7.64 0.91
CA SER A 84 5.87 -8.30 0.99
CA SER A 84 6.00 -8.50 0.86
C SER A 84 7.13 -7.63 0.45
C SER A 84 7.20 -7.74 0.35
N ILE A 85 7.00 -6.91 -0.68
CA ILE A 85 8.12 -6.15 -1.22
C ILE A 85 8.60 -5.11 -0.22
N PHE A 86 7.66 -4.41 0.43
N PHE A 86 7.67 -4.39 0.42
CA PHE A 86 8.04 -3.38 1.39
CA PHE A 86 8.03 -3.43 1.46
C PHE A 86 8.81 -3.98 2.57
C PHE A 86 8.83 -4.10 2.56
N ASN A 87 8.34 -5.11 3.10
N ASN A 87 8.40 -5.27 3.01
CA ASN A 87 9.03 -5.74 4.23
CA ASN A 87 9.16 -5.95 4.06
C ASN A 87 10.39 -6.26 3.84
C ASN A 87 10.59 -6.26 3.62
N ALA A 88 10.59 -6.59 2.56
N ALA A 88 10.76 -6.69 2.36
CA ALA A 88 11.92 -6.92 2.06
CA ALA A 88 12.10 -6.97 1.85
C ALA A 88 12.79 -5.66 1.94
C ALA A 88 12.93 -5.70 1.75
N MET A 89 12.18 -4.54 1.59
N MET A 89 12.28 -4.60 1.41
CA MET A 89 12.91 -3.28 1.52
CA MET A 89 12.97 -3.32 1.38
C MET A 89 13.39 -2.88 2.92
C MET A 89 13.49 -2.96 2.77
N VAL A 90 12.57 -3.11 3.94
N VAL A 90 12.63 -3.12 3.78
CA VAL A 90 12.96 -2.78 5.30
CA VAL A 90 13.05 -2.84 5.14
C VAL A 90 14.12 -3.67 5.75
C VAL A 90 14.24 -3.71 5.52
N ALA A 91 14.10 -4.95 5.35
N ALA A 91 14.16 -5.01 5.21
CA ALA A 91 15.18 -5.85 5.72
CA ALA A 91 15.28 -5.90 5.52
C ALA A 91 16.48 -5.51 5.00
C ALA A 91 16.56 -5.46 4.81
N ALA A 92 16.39 -5.02 3.75
N ALA A 92 16.45 -5.04 3.56
CA ALA A 92 17.59 -4.62 3.04
CA ALA A 92 17.62 -4.53 2.85
C ALA A 92 18.20 -3.37 3.65
C ALA A 92 18.22 -3.31 3.56
N PHE A 93 17.36 -2.43 4.11
CA PHE A 93 17.87 -1.26 4.83
C PHE A 93 18.61 -1.67 6.10
N LYS A 94 18.02 -2.59 6.86
N LYS A 94 18.01 -2.58 6.87
CA LYS A 94 18.66 -3.06 8.09
CA LYS A 94 18.64 -3.13 8.06
C LYS A 94 19.96 -3.81 7.80
C LYS A 94 19.99 -3.73 7.73
N ASN A 95 20.00 -4.55 6.69
N ASN A 95 20.10 -4.42 6.61
CA ASN A 95 21.20 -5.31 6.33
CA ASN A 95 21.32 -5.09 6.18
C ASN A 95 22.26 -4.47 5.64
C ASN A 95 22.35 -4.16 5.56
N GLY A 96 21.95 -3.25 5.23
N GLY A 96 22.04 -2.89 5.39
CA GLY A 96 22.91 -2.43 4.51
CA GLY A 96 23.00 -1.97 4.77
C GLY A 96 23.04 -2.76 3.04
C GLY A 96 23.26 -2.25 3.30
N ASP A 97 22.06 -3.45 2.46
N ASP A 97 22.22 -2.63 2.56
CA ASP A 97 22.12 -3.87 1.06
CA ASP A 97 22.33 -3.08 1.17
C ASP A 97 21.42 -2.84 0.18
C ASP A 97 21.53 -2.15 0.26
N ASP A 98 22.15 -1.77 -0.15
N ASP A 98 22.16 -1.08 -0.21
CA ASP A 98 21.56 -0.69 -0.92
CA ASP A 98 21.44 -0.09 -1.01
C ASP A 98 21.07 -1.16 -2.27
C ASP A 98 21.08 -0.62 -2.39
N ASP A 99 21.79 -2.09 -2.90
N ASP A 99 21.84 -1.57 -2.94
CA ASP A 99 21.37 -2.61 -4.19
CA ASP A 99 21.47 -2.11 -4.24
C ASP A 99 19.98 -3.25 -4.11
C ASP A 99 20.09 -2.75 -4.19
N SER A 100 19.72 -4.01 -3.05
N SER A 100 19.89 -3.66 -3.23
CA SER A 100 18.40 -4.59 -2.88
CA SER A 100 18.61 -4.35 -3.11
C SER A 100 17.37 -3.58 -2.40
C SER A 100 17.51 -3.38 -2.71
N PHE A 101 17.79 -2.49 -1.76
CA PHE A 101 16.82 -1.44 -1.39
C PHE A 101 16.32 -0.70 -2.62
N GLU A 102 17.22 -0.34 -3.54
N GLU A 102 17.23 -0.26 -3.49
CA GLU A 102 16.81 0.28 -4.79
CA GLU A 102 16.81 0.44 -4.70
C GLU A 102 15.90 -0.64 -5.58
C GLU A 102 15.88 -0.43 -5.52
N SER A 103 16.25 -1.94 -5.64
N SER A 103 16.25 -1.69 -5.72
CA SER A 103 15.45 -2.89 -6.41
CA SER A 103 15.44 -2.58 -6.54
C SER A 103 14.04 -3.02 -5.86
C SER A 103 14.06 -2.73 -5.96
N TYR A 104 13.93 -3.19 -4.54
N TYR A 104 13.97 -3.03 -4.67
CA TYR A 104 12.61 -3.29 -3.93
CA TYR A 104 12.66 -3.22 -4.04
C TYR A 104 11.85 -1.98 -4.02
C TYR A 104 11.86 -1.93 -4.06
N LEU A 105 12.55 -0.85 -4.08
N LEU A 105 12.50 -0.80 -3.77
CA LEU A 105 11.87 0.44 -4.15
CA LEU A 105 11.80 0.47 -3.88
C LEU A 105 11.17 0.63 -5.50
C LEU A 105 11.14 0.62 -5.26
N GLN A 106 11.88 0.31 -6.59
N GLN A 106 11.91 0.35 -6.31
CA GLN A 106 11.27 0.45 -7.92
CA GLN A 106 11.37 0.47 -7.67
C GLN A 106 10.12 -0.53 -8.09
C GLN A 106 10.24 -0.51 -7.90
N ALA A 107 10.26 -1.74 -7.54
N ALA A 107 10.39 -1.74 -7.42
CA ALA A 107 9.19 -2.73 -7.66
CA ALA A 107 9.36 -2.74 -7.61
C ALA A 107 7.94 -2.25 -6.93
C ALA A 107 8.07 -2.33 -6.91
N LEU A 108 8.11 -1.60 -5.78
N LEU A 108 8.19 -1.75 -5.72
CA LEU A 108 6.95 -1.11 -5.04
CA LEU A 108 7.01 -1.38 -4.96
C LEU A 108 6.27 0.04 -5.76
C LEU A 108 6.26 -0.23 -5.64
N GLU A 109 7.03 0.82 -6.54
N GLU A 109 6.99 0.67 -6.28
CA GLU A 109 6.41 1.88 -7.33
CA GLU A 109 6.37 1.72 -7.09
C GLU A 109 5.61 1.32 -8.49
C GLU A 109 5.52 1.12 -8.20
N LYS A 110 6.15 0.33 -9.19
N LYS A 110 6.02 0.06 -8.84
CA LYS A 110 5.44 -0.25 -10.33
CA LYS A 110 5.28 -0.53 -9.94
C LYS A 110 4.21 -1.03 -9.88
C LYS A 110 4.07 -1.30 -9.45
N VAL A 111 4.32 -1.77 -8.79
N VAL A 111 4.20 -2.01 -8.33
CA VAL A 111 3.16 -2.48 -8.26
CA VAL A 111 3.04 -2.70 -7.78
C VAL A 111 2.08 -1.48 -7.85
C VAL A 111 1.94 -1.69 -7.44
N THR A 112 2.48 -0.38 -7.19
N THR A 112 2.33 -0.54 -6.88
CA THR A 112 1.51 0.62 -6.76
CA THR A 112 1.35 0.47 -6.47
C THR A 112 0.84 1.28 -7.97
C THR A 112 0.69 1.13 -7.67
N ALA A 113 1.64 1.64 -8.98
N ALA A 113 1.49 1.51 -8.67
CA ALA A 113 1.07 2.30 -10.15
CA ALA A 113 0.91 2.12 -9.85
C ALA A 113 0.15 1.37 -10.93
C ALA A 113 -0.05 1.17 -10.56
N LYS A 114 0.46 0.08 -10.97
N LYS A 114 0.34 -0.11 -10.71
CA LYS A 114 -0.39 -0.86 -11.70
CA LYS A 114 -0.58 -1.05 -11.33
C LYS A 114 -1.76 -0.96 -11.07
C LYS A 114 -1.86 -1.19 -10.53
N GLY A 115 -1.82 -0.99 -9.74
N GLY A 115 -1.78 -1.02 -9.21
CA GLY A 115 -3.07 -1.19 -9.04
CA GLY A 115 -2.97 -1.21 -8.39
C GLY A 115 -3.81 0.09 -8.73
C GLY A 115 -4.01 -0.13 -8.55
N GLU A 116 -3.76 1.04 -9.67
N GLU A 116 -3.61 1.02 -9.10
CA GLU A 116 -4.48 2.30 -9.50
CA GLU A 116 -4.53 2.16 -9.06
C GLU A 116 -5.78 2.36 -10.31
C GLU A 116 -5.70 1.98 -10.01
N THR A 117 -5.81 1.77 -11.51
N THR A 117 -5.56 1.17 -11.05
CA THR A 117 -7.06 1.72 -12.24
CA THR A 117 -6.72 0.84 -11.88
C THR A 117 -8.10 0.90 -11.49
C THR A 117 -7.80 0.13 -11.07
N LEU A 118 -7.66 -0.15 -10.78
N LEU A 118 -7.40 -0.87 -10.29
CA LEU A 118 -8.57 -0.95 -9.98
CA LEU A 118 -8.33 -1.55 -9.37
C LEU A 118 -9.05 -0.18 -8.75
C LEU A 118 -8.90 -0.56 -8.35
N ALA A 119 -8.17 0.60 -8.14
N ALA A 119 -8.02 0.25 -7.73
CA ALA A 119 -8.56 1.38 -6.96
CA ALA A 119 -8.48 1.14 -6.67
C ALA A 119 -9.71 2.32 -7.30
C ALA A 119 -9.60 2.06 -7.17
N ASP A 120 -9.63 2.98 -8.46
N ASP A 120 -9.46 2.58 -8.38
CA ASP A 120 -10.73 3.84 -8.88
CA ASP A 120 -10.47 3.48 -8.90
C ASP A 120 -11.98 3.04 -9.23
C ASP A 120 -11.73 2.72 -9.31
N GLN A 121 -11.80 1.81 -9.72
N GLN A 121 -11.58 1.47 -9.74
CA GLN A 121 -12.96 0.96 -9.99
CA GLN A 121 -12.76 0.66 -10.07
C GLN A 121 -13.71 0.63 -8.70
C GLN A 121 -13.58 0.34 -8.83
N ILE A 122 -12.97 0.40 -7.62
N ILE A 122 -12.91 0.09 -7.71
CA ILE A 122 -13.60 0.04 -6.36
CA ILE A 122 -13.61 -0.20 -6.47
C ILE A 122 -14.40 1.22 -5.81
C ILE A 122 -14.46 1.00 -6.06
N ALA A 123 -13.89 2.44 -5.97
N ALA A 123 -13.86 2.19 -6.12
CA ALA A 123 -14.60 3.60 -5.45
CA ALA A 123 -14.58 3.39 -5.72
C ALA A 123 -15.96 3.75 -6.10
C ALA A 123 -15.90 3.49 -6.47
N LYS A 124 -16.08 3.37 -7.38
N LYS A 124 -15.88 3.17 -7.76
CA LYS A 124 -17.36 3.47 -8.08
CA LYS A 124 -17.07 3.27 -8.59
C LYS A 124 -18.27 2.28 -7.83
C LYS A 124 -18.02 2.09 -8.45
N ALA A 125 -17.74 1.16 -7.36
N ALA A 125 -17.59 0.98 -7.86
CA ALA A 125 -18.51 -0.07 -7.20
CA ALA A 125 -18.46 -0.16 -7.65
C ALA A 125 -19.20 -0.16 -5.84
C ALA A 125 -19.21 -0.11 -6.33
N LEU A 126 -18.62 0.41 -4.79
N LEU A 126 -18.66 0.55 -5.32
CA LEU A 126 -19.13 0.21 -3.43
CA LEU A 126 -19.20 0.50 -3.97
C LEU A 126 -20.49 0.84 -3.19
C LEU A 126 -20.50 1.23 -3.88
#